data_1B9S
#
_entry.id   1B9S
#
_cell.length_a   124.251
_cell.length_b   124.251
_cell.length_c   71.375
_cell.angle_alpha   90.00
_cell.angle_beta   90.00
_cell.angle_gamma   90.00
#
_symmetry.space_group_name_H-M   'P 4 21 2'
#
loop_
_entity.id
_entity.type
_entity.pdbx_description
1 polymer 'PROTEIN (NEURAMINIDASE)'
2 non-polymer 2-acetamido-2-deoxy-beta-D-glucopyranose
3 non-polymer 'CALCIUM ION'
4 non-polymer '4-(N-ACETYLAMINO)-3-[N-(2-ETHYLBUTANOYLAMINO)]BENZOIC ACID'
5 water water
#
_entity_poly.entity_id   1
_entity_poly.type   'polypeptide(L)'
_entity_poly.pdbx_seq_one_letter_code
;EPEWTYPRLSCQGSTFQKALLISPHRFGEIKGNSAPLIIREPFVACGPKECRHFALTHYAAQPGGYYNGTRKDRNKLRHL
VSVKLGKIPTVENSIFHMAAWSGSACHDGREWTYIGVDGPDNDALVKIKYGEAYTDTYHSYAHNILRTQESACNCIGGDC
YLMITDGSASGISKCRFLKIREGRIIKEILPTGRVEHTEECTCGFASNKTIECACRDNSYTAKRPFVKLNVETDTAEIRL
MCTKTYLDTPRPDDGSIAGPCESNGDKWLGGIKGGFVHQRMASKIGRWYSRTMSKTNRMGMELYVRYDGDPWTDSDALTL
SGVMVSIEEPGWYSFGFEIKDKKCDVPCIGIEMVHDGGKDTWHSAATAIYCLMGSGQLLWDTVTGVDMAL
;
_entity_poly.pdbx_strand_id   A
#
loop_
_chem_comp.id
_chem_comp.type
_chem_comp.name
_chem_comp.formula
CA non-polymer 'CALCIUM ION' 'Ca 2'
FDI non-polymer '4-(N-ACETYLAMINO)-3-[N-(2-ETHYLBUTANOYLAMINO)]BENZOIC ACID' 'C15 H20 N2 O4'
NAG D-saccharide, beta linking 2-acetamido-2-deoxy-beta-D-glucopyranose 'C8 H15 N O6'
#
# COMPACT_ATOMS: atom_id res chain seq x y z
N GLU A 1 -13.38 -1.63 -27.80
CA GLU A 1 -12.46 -2.75 -27.40
C GLU A 1 -11.10 -2.19 -26.97
N PRO A 2 -11.04 -1.60 -25.76
CA PRO A 2 -9.77 -1.05 -25.26
C PRO A 2 -8.66 -2.10 -25.30
N GLU A 3 -7.44 -1.68 -24.98
CA GLU A 3 -6.33 -2.61 -24.99
C GLU A 3 -5.81 -2.83 -23.59
N TRP A 4 -5.35 -4.06 -23.33
CA TRP A 4 -4.81 -4.41 -22.02
C TRP A 4 -3.66 -3.47 -21.70
N THR A 5 -3.45 -3.23 -20.41
CA THR A 5 -2.39 -2.35 -19.97
C THR A 5 -1.12 -3.12 -19.63
N TYR A 6 0.03 -2.47 -19.83
CA TYR A 6 1.35 -3.03 -19.54
C TYR A 6 2.22 -1.95 -18.90
N PRO A 7 3.19 -2.33 -18.07
CA PRO A 7 4.03 -1.31 -17.44
C PRO A 7 5.03 -0.80 -18.47
N ARG A 8 5.19 0.53 -18.54
CA ARG A 8 6.12 1.13 -19.50
C ARG A 8 7.25 1.85 -18.77
N LEU A 9 8.14 2.46 -19.55
CA LEU A 9 9.27 3.19 -18.99
C LEU A 9 8.73 4.38 -18.21
N SER A 10 9.28 4.64 -17.03
CA SER A 10 8.82 5.78 -16.24
C SER A 10 9.07 7.04 -17.05
N CYS A 11 8.54 8.17 -16.57
CA CYS A 11 8.74 9.43 -17.26
C CYS A 11 10.06 10.05 -16.76
N GLN A 12 10.69 10.85 -17.62
CA GLN A 12 11.95 11.52 -17.30
C GLN A 12 11.88 12.17 -15.92
N GLY A 13 12.92 11.99 -15.11
CA GLY A 13 12.92 12.59 -13.79
C GLY A 13 14.09 12.12 -12.95
N SER A 14 14.23 12.69 -11.76
CA SER A 14 15.32 12.31 -10.87
C SER A 14 15.07 12.70 -9.42
N THR A 15 13.84 13.06 -9.09
CA THR A 15 13.50 13.42 -7.72
C THR A 15 11.99 13.42 -7.51
N PHE A 16 11.60 13.37 -6.24
CA PHE A 16 10.18 13.35 -5.87
C PHE A 16 9.84 14.69 -5.25
N GLN A 17 8.60 15.14 -5.48
CA GLN A 17 8.13 16.40 -4.93
C GLN A 17 6.68 16.30 -4.50
N LYS A 18 6.33 17.11 -3.50
CA LYS A 18 4.97 17.16 -2.99
C LYS A 18 4.06 17.44 -4.18
N ALA A 19 3.01 16.65 -4.33
CA ALA A 19 2.10 16.86 -5.45
C ALA A 19 0.70 17.22 -4.99
N LEU A 20 0.18 16.43 -4.07
CA LEU A 20 -1.18 16.64 -3.60
C LEU A 20 -1.45 16.14 -2.20
N LEU A 21 -2.32 16.84 -1.49
CA LEU A 21 -2.74 16.45 -0.15
C LEU A 21 -4.26 16.39 -0.12
N ILE A 22 -4.81 15.30 0.39
CA ILE A 22 -6.25 15.13 0.53
C ILE A 22 -6.50 15.05 2.03
N SER A 23 -6.95 16.15 2.63
CA SER A 23 -7.21 16.20 4.07
C SER A 23 -8.72 16.35 4.34
N PRO A 24 -9.51 15.33 4.00
CA PRO A 24 -10.97 15.36 4.19
C PRO A 24 -11.45 15.97 5.49
N HIS A 25 -10.71 15.72 6.57
CA HIS A 25 -11.13 16.21 7.87
C HIS A 25 -10.81 17.67 8.18
N ARG A 26 -10.44 18.40 7.14
CA ARG A 26 -10.15 19.83 7.24
C ARG A 26 -11.54 20.47 7.19
N PHE A 27 -12.53 19.68 6.78
CA PHE A 27 -13.91 20.15 6.66
C PHE A 27 -14.91 19.40 7.54
N GLY A 28 -14.44 18.77 8.60
CA GLY A 28 -15.33 18.05 9.46
C GLY A 28 -15.55 18.72 10.81
N GLU A 29 -15.35 20.03 10.87
CA GLU A 29 -15.54 20.77 12.11
C GLU A 29 -17.00 20.70 12.52
N ILE A 30 -17.25 20.83 13.81
CA ILE A 30 -18.61 20.80 14.34
C ILE A 30 -19.40 21.93 13.72
N LYS A 31 -18.74 23.05 13.47
CA LYS A 31 -19.39 24.21 12.87
C LYS A 31 -19.38 24.19 11.34
N GLY A 32 -18.85 23.11 10.77
CA GLY A 32 -18.81 22.98 9.32
C GLY A 32 -20.11 22.37 8.82
N ASN A 33 -20.18 22.11 7.51
CA ASN A 33 -21.38 21.52 6.90
C ASN A 33 -21.00 20.41 5.94
N SER A 34 -19.89 19.74 6.22
CA SER A 34 -19.43 18.67 5.36
C SER A 34 -19.49 17.32 6.06
N ALA A 35 -19.59 16.26 5.25
CA ALA A 35 -19.65 14.92 5.75
C ALA A 35 -18.52 14.08 5.19
N PRO A 36 -17.29 14.33 5.67
CA PRO A 36 -16.15 13.54 5.18
C PRO A 36 -16.19 12.20 5.89
N LEU A 37 -15.94 11.13 5.13
CA LEU A 37 -15.97 9.78 5.67
C LEU A 37 -14.79 9.46 6.57
N ILE A 38 -15.04 8.61 7.57
CA ILE A 38 -14.00 8.19 8.49
C ILE A 38 -13.42 6.92 7.88
N ILE A 39 -12.18 6.99 7.43
CA ILE A 39 -11.53 5.86 6.78
C ILE A 39 -10.10 5.59 7.25
N ARG A 40 -9.52 4.52 6.71
CA ARG A 40 -8.15 4.09 7.00
C ARG A 40 -7.68 3.20 5.86
N GLU A 41 -6.39 2.92 5.82
CA GLU A 41 -5.80 2.08 4.77
C GLU A 41 -6.18 2.61 3.39
N PRO A 42 -5.83 3.87 3.10
CA PRO A 42 -6.17 4.42 1.79
C PRO A 42 -5.02 4.14 0.86
N PHE A 43 -5.30 4.05 -0.44
CA PHE A 43 -4.27 3.85 -1.44
C PHE A 43 -4.78 4.42 -2.76
N VAL A 44 -3.93 4.44 -3.77
CA VAL A 44 -4.34 4.95 -5.05
C VAL A 44 -4.05 3.93 -6.11
N ALA A 45 -4.89 3.94 -7.16
CA ALA A 45 -4.76 3.01 -8.28
C ALA A 45 -5.21 3.80 -9.50
N CYS A 46 -4.40 3.76 -10.55
CA CYS A 46 -4.67 4.50 -11.76
C CYS A 46 -4.91 3.70 -13.04
N GLY A 47 -5.92 4.11 -13.78
CA GLY A 47 -6.22 3.47 -15.05
C GLY A 47 -5.66 4.36 -16.15
N PRO A 48 -5.84 3.98 -17.42
CA PRO A 48 -5.33 4.79 -18.53
C PRO A 48 -5.76 6.26 -18.53
N LYS A 49 -6.95 6.57 -18.03
CA LYS A 49 -7.41 7.95 -18.06
C LYS A 49 -7.89 8.54 -16.74
N GLU A 50 -7.71 7.83 -15.64
CA GLU A 50 -8.14 8.36 -14.36
C GLU A 50 -7.51 7.62 -13.20
N CYS A 51 -7.28 8.34 -12.12
CA CYS A 51 -6.72 7.76 -10.92
C CYS A 51 -7.83 7.82 -9.88
N ARG A 52 -7.91 6.79 -9.04
CA ARG A 52 -8.94 6.77 -8.01
C ARG A 52 -8.32 6.62 -6.64
N HIS A 53 -8.95 7.22 -5.65
CA HIS A 53 -8.46 7.20 -4.28
C HIS A 53 -9.35 6.28 -3.42
N PHE A 54 -8.92 5.04 -3.23
CA PHE A 54 -9.65 4.04 -2.45
C PHE A 54 -9.34 4.12 -0.96
N ALA A 55 -10.24 3.61 -0.14
CA ALA A 55 -10.03 3.61 1.31
C ALA A 55 -11.01 2.64 1.94
N LEU A 56 -10.87 2.40 3.25
CA LEU A 56 -11.79 1.51 3.94
C LEU A 56 -12.49 2.38 4.96
N THR A 57 -13.75 2.68 4.69
CA THR A 57 -14.50 3.53 5.60
C THR A 57 -15.18 2.69 6.66
N HIS A 58 -15.44 3.31 7.81
CA HIS A 58 -16.11 2.63 8.91
C HIS A 58 -17.61 2.96 8.82
N TYR A 59 -18.04 3.31 7.60
CA TYR A 59 -19.43 3.67 7.31
C TYR A 59 -19.91 4.77 8.25
N ALA A 60 -19.02 5.71 8.55
CA ALA A 60 -19.36 6.80 9.44
C ALA A 60 -18.71 8.10 8.98
N ALA A 61 -19.29 9.22 9.38
CA ALA A 61 -18.76 10.53 9.00
C ALA A 61 -18.42 11.44 10.18
N GLN A 62 -17.71 12.53 9.87
CA GLN A 62 -17.32 13.49 10.89
C GLN A 62 -17.74 14.88 10.43
N PRO A 63 -18.53 15.59 11.25
CA PRO A 63 -19.00 15.10 12.53
C PRO A 63 -20.02 13.96 12.37
N GLY A 64 -20.07 13.08 13.36
CA GLY A 64 -20.97 11.94 13.30
C GLY A 64 -21.17 11.40 14.69
N GLY A 65 -21.94 10.32 14.81
CA GLY A 65 -22.20 9.74 16.12
C GLY A 65 -21.81 8.29 16.23
N TYR A 66 -20.90 7.83 15.35
CA TYR A 66 -20.44 6.44 15.38
C TYR A 66 -18.92 6.40 15.38
N TYR A 67 -18.30 7.15 16.30
CA TYR A 67 -16.84 7.20 16.39
C TYR A 67 -16.28 5.95 17.05
N ASN A 68 -17.13 5.25 17.81
CA ASN A 68 -16.74 4.05 18.53
C ASN A 68 -16.51 2.86 17.59
N GLY A 69 -15.31 2.29 17.67
CA GLY A 69 -14.94 1.14 16.84
C GLY A 69 -14.23 1.55 15.57
N THR A 70 -14.12 2.84 15.32
CA THR A 70 -13.48 3.31 14.11
C THR A 70 -11.98 3.05 14.17
N ARG A 71 -11.50 2.71 15.37
CA ARG A 71 -10.09 2.41 15.58
C ARG A 71 -9.86 0.94 15.19
N LYS A 72 -10.88 0.12 15.43
CA LYS A 72 -10.83 -1.29 15.10
C LYS A 72 -10.66 -1.41 13.61
N ASP A 73 -10.22 -2.57 13.14
CA ASP A 73 -10.01 -2.77 11.72
C ASP A 73 -11.12 -3.59 11.11
N ARG A 74 -11.49 -4.67 11.77
CA ARG A 74 -12.49 -5.57 11.25
C ARG A 74 -13.86 -5.51 11.91
N ASN A 75 -14.89 -5.41 11.06
CA ASN A 75 -16.26 -5.36 11.50
C ASN A 75 -17.18 -5.54 10.30
N LYS A 76 -18.46 -5.77 10.56
CA LYS A 76 -19.44 -6.00 9.50
C LYS A 76 -19.91 -4.78 8.71
N LEU A 77 -19.53 -3.59 9.18
CA LEU A 77 -19.93 -2.34 8.52
C LEU A 77 -18.90 -1.83 7.50
N ARG A 78 -17.63 -2.12 7.75
CA ARG A 78 -16.57 -1.64 6.87
C ARG A 78 -16.81 -1.85 5.38
N HIS A 79 -16.47 -0.83 4.58
CA HIS A 79 -16.65 -0.90 3.13
C HIS A 79 -15.53 -0.25 2.34
N LEU A 80 -15.28 -0.81 1.16
CA LEU A 80 -14.25 -0.29 0.29
C LEU A 80 -14.90 0.77 -0.61
N VAL A 81 -14.61 2.04 -0.30
CA VAL A 81 -15.13 3.18 -1.04
C VAL A 81 -14.07 3.74 -1.96
N SER A 82 -14.44 4.67 -2.82
CA SER A 82 -13.47 5.27 -3.72
C SER A 82 -14.01 6.52 -4.38
N VAL A 83 -13.11 7.46 -4.67
CA VAL A 83 -13.47 8.71 -5.34
C VAL A 83 -12.38 8.99 -6.35
N LYS A 84 -12.66 9.83 -7.33
CA LYS A 84 -11.63 10.18 -8.33
C LYS A 84 -10.56 10.97 -7.58
N LEU A 85 -9.30 10.76 -7.93
CA LEU A 85 -8.22 11.47 -7.27
C LEU A 85 -8.34 12.98 -7.40
N GLY A 86 -8.49 13.65 -6.27
CA GLY A 86 -8.62 15.09 -6.29
C GLY A 86 -9.88 15.54 -5.58
N LYS A 87 -10.87 14.66 -5.54
CA LYS A 87 -12.11 15.00 -4.86
C LYS A 87 -12.00 14.59 -3.40
N ILE A 88 -12.66 15.34 -2.53
CA ILE A 88 -12.67 15.03 -1.10
C ILE A 88 -13.63 13.87 -0.95
N PRO A 89 -13.20 12.78 -0.28
CA PRO A 89 -14.09 11.62 -0.10
C PRO A 89 -15.19 11.84 0.92
N THR A 90 -16.33 12.37 0.47
CA THR A 90 -17.46 12.61 1.36
C THR A 90 -18.52 11.54 1.18
N VAL A 91 -19.52 11.56 2.05
CA VAL A 91 -20.63 10.64 1.99
C VAL A 91 -21.22 10.65 0.58
N GLU A 92 -21.55 11.83 0.09
CA GLU A 92 -22.14 11.98 -1.22
C GLU A 92 -21.19 11.79 -2.39
N ASN A 93 -19.93 12.15 -2.20
CA ASN A 93 -18.94 12.05 -3.27
C ASN A 93 -18.43 10.66 -3.60
N SER A 94 -18.22 9.83 -2.58
CA SER A 94 -17.69 8.50 -2.80
C SER A 94 -18.72 7.48 -3.24
N ILE A 95 -18.22 6.34 -3.72
CA ILE A 95 -19.04 5.23 -4.15
C ILE A 95 -18.61 3.97 -3.39
N PHE A 96 -19.57 3.27 -2.80
CA PHE A 96 -19.32 2.07 -2.05
C PHE A 96 -19.29 0.88 -3.00
N HIS A 97 -18.16 0.17 -3.05
CA HIS A 97 -18.03 -0.98 -3.95
C HIS A 97 -18.42 -2.34 -3.35
N MET A 98 -18.14 -2.54 -2.07
CA MET A 98 -18.47 -3.81 -1.41
C MET A 98 -18.07 -3.83 0.06
N ALA A 99 -18.75 -4.64 0.84
CA ALA A 99 -18.45 -4.76 2.27
C ALA A 99 -17.07 -5.40 2.38
N ALA A 100 -16.13 -4.73 3.05
CA ALA A 100 -14.79 -5.26 3.20
C ALA A 100 -13.95 -4.56 4.26
N TRP A 101 -13.12 -5.32 4.97
CA TRP A 101 -12.25 -4.70 5.96
C TRP A 101 -10.76 -4.85 5.55
N SER A 102 -10.55 -5.27 4.31
CA SER A 102 -9.22 -5.41 3.73
C SER A 102 -9.44 -5.40 2.22
N GLY A 103 -8.58 -4.69 1.48
CA GLY A 103 -8.79 -4.64 0.04
C GLY A 103 -7.66 -4.17 -0.85
N SER A 104 -8.01 -4.02 -2.13
CA SER A 104 -7.08 -3.57 -3.14
C SER A 104 -7.87 -3.39 -4.43
N ALA A 105 -7.27 -2.77 -5.43
CA ALA A 105 -7.94 -2.55 -6.70
C ALA A 105 -6.93 -2.21 -7.77
N CYS A 106 -7.18 -2.67 -8.99
CA CYS A 106 -6.30 -2.39 -10.10
C CYS A 106 -7.12 -2.29 -11.37
N HIS A 107 -6.54 -1.72 -12.42
CA HIS A 107 -7.24 -1.56 -13.68
C HIS A 107 -6.47 -2.31 -14.76
N ASP A 108 -7.11 -3.29 -15.40
CA ASP A 108 -6.41 -4.04 -16.43
C ASP A 108 -6.29 -3.24 -17.72
N GLY A 109 -6.68 -1.98 -17.64
CA GLY A 109 -6.62 -1.11 -18.80
C GLY A 109 -7.87 -1.23 -19.64
N ARG A 110 -8.85 -1.96 -19.11
CA ARG A 110 -10.11 -2.17 -19.80
C ARG A 110 -11.27 -2.04 -18.82
N GLU A 111 -11.04 -2.45 -17.58
CA GLU A 111 -12.07 -2.37 -16.55
C GLU A 111 -11.45 -2.46 -15.17
N TRP A 112 -12.17 -1.97 -14.18
CA TRP A 112 -11.71 -1.97 -12.80
C TRP A 112 -12.00 -3.31 -12.14
N THR A 113 -11.06 -3.77 -11.32
CA THR A 113 -11.21 -5.02 -10.57
C THR A 113 -11.08 -4.60 -9.11
N TYR A 114 -12.10 -4.92 -8.31
CA TYR A 114 -12.10 -4.60 -6.90
C TYR A 114 -11.99 -5.88 -6.09
N ILE A 115 -11.17 -5.83 -5.04
CA ILE A 115 -10.96 -6.97 -4.17
C ILE A 115 -11.29 -6.56 -2.75
N GLY A 116 -12.13 -7.34 -2.08
CA GLY A 116 -12.50 -7.02 -0.73
C GLY A 116 -12.43 -8.26 0.13
N VAL A 117 -12.19 -8.07 1.42
CA VAL A 117 -12.10 -9.20 2.33
C VAL A 117 -12.89 -8.99 3.60
N ASP A 118 -13.89 -9.84 3.80
CA ASP A 118 -14.70 -9.80 5.00
C ASP A 118 -15.09 -11.23 5.39
N GLY A 119 -15.97 -11.36 6.38
CA GLY A 119 -16.39 -12.66 6.82
C GLY A 119 -15.86 -12.86 8.22
N PRO A 120 -16.04 -14.06 8.81
CA PRO A 120 -15.55 -14.30 10.18
C PRO A 120 -14.02 -14.39 10.19
N ASP A 121 -13.42 -13.96 11.29
CA ASP A 121 -11.97 -13.98 11.43
C ASP A 121 -11.32 -15.31 11.07
N ASN A 122 -11.88 -16.39 11.60
CA ASN A 122 -11.34 -17.74 11.37
C ASN A 122 -11.74 -18.34 10.03
N ASP A 123 -12.45 -17.57 9.22
CA ASP A 123 -12.89 -18.06 7.92
C ASP A 123 -13.27 -16.91 6.99
N ALA A 124 -12.42 -15.90 6.94
CA ALA A 124 -12.63 -14.73 6.10
C ALA A 124 -12.72 -15.20 4.64
N LEU A 125 -12.96 -14.25 3.74
CA LEU A 125 -13.10 -14.58 2.32
C LEU A 125 -12.77 -13.40 1.40
N VAL A 126 -12.09 -13.69 0.31
CA VAL A 126 -11.71 -12.67 -0.65
C VAL A 126 -12.77 -12.63 -1.74
N LYS A 127 -13.20 -11.42 -2.08
CA LYS A 127 -14.22 -11.24 -3.10
C LYS A 127 -13.70 -10.42 -4.25
N ILE A 128 -13.80 -10.96 -5.46
CA ILE A 128 -13.35 -10.23 -6.62
C ILE A 128 -14.56 -9.65 -7.33
N LYS A 129 -14.50 -8.36 -7.67
CA LYS A 129 -15.57 -7.70 -8.40
C LYS A 129 -14.97 -7.11 -9.65
N TYR A 130 -15.55 -7.44 -10.80
CA TYR A 130 -15.05 -6.93 -12.07
C TYR A 130 -16.08 -5.94 -12.58
N GLY A 131 -15.88 -4.67 -12.25
CA GLY A 131 -16.82 -3.66 -12.66
C GLY A 131 -18.02 -3.71 -11.72
N GLU A 132 -19.20 -3.96 -12.28
CA GLU A 132 -20.42 -4.01 -11.48
C GLU A 132 -20.78 -5.40 -10.99
N ALA A 133 -20.20 -6.43 -11.60
CA ALA A 133 -20.51 -7.81 -11.23
C ALA A 133 -19.54 -8.45 -10.26
N TYR A 134 -20.10 -9.20 -9.32
CA TYR A 134 -19.32 -9.94 -8.34
C TYR A 134 -18.93 -11.20 -9.10
N THR A 135 -17.63 -11.33 -9.39
CA THR A 135 -17.13 -12.43 -10.20
C THR A 135 -16.51 -13.68 -9.55
N ASP A 136 -15.88 -13.54 -8.39
CA ASP A 136 -15.29 -14.72 -7.77
C ASP A 136 -14.89 -14.51 -6.32
N THR A 137 -14.31 -15.54 -5.72
CA THR A 137 -13.91 -15.49 -4.32
C THR A 137 -12.76 -16.47 -4.03
N TYR A 138 -12.09 -16.26 -2.90
CA TYR A 138 -11.00 -17.13 -2.45
C TYR A 138 -11.19 -17.34 -0.95
N HIS A 139 -11.06 -18.57 -0.48
CA HIS A 139 -11.27 -18.83 0.94
C HIS A 139 -10.01 -18.78 1.80
N SER A 140 -10.21 -18.61 3.10
CA SER A 140 -9.12 -18.55 4.06
C SER A 140 -8.47 -19.92 4.15
N TYR A 141 -7.16 -19.98 3.91
CA TYR A 141 -6.43 -21.24 3.94
C TYR A 141 -5.71 -21.57 5.25
N ALA A 142 -5.26 -20.54 5.95
CA ALA A 142 -4.58 -20.76 7.23
C ALA A 142 -5.58 -20.47 8.36
N HIS A 143 -6.80 -20.13 7.98
CA HIS A 143 -7.87 -19.82 8.92
C HIS A 143 -7.53 -18.81 10.00
N ASN A 144 -6.81 -17.78 9.62
CA ASN A 144 -6.46 -16.72 10.55
C ASN A 144 -6.42 -15.38 9.85
N ILE A 145 -7.56 -14.70 9.90
CA ILE A 145 -7.75 -13.38 9.30
C ILE A 145 -7.14 -13.24 7.92
N LEU A 146 -7.84 -13.80 6.94
CA LEU A 146 -7.40 -13.69 5.56
C LEU A 146 -7.37 -12.19 5.26
N ARG A 147 -6.22 -11.68 4.87
CA ARG A 147 -6.10 -10.24 4.59
C ARG A 147 -5.45 -10.06 3.22
N THR A 148 -5.45 -8.82 2.73
CA THR A 148 -4.87 -8.55 1.42
C THR A 148 -3.89 -7.37 1.40
N GLN A 149 -3.30 -7.13 0.23
CA GLN A 149 -2.31 -6.05 0.02
C GLN A 149 -2.51 -4.72 0.73
N GLU A 150 -3.71 -4.15 0.64
CA GLU A 150 -4.02 -2.84 1.23
C GLU A 150 -3.48 -1.73 0.31
N SER A 151 -3.28 -2.10 -0.96
CA SER A 151 -2.81 -1.19 -1.98
C SER A 151 -3.10 -1.80 -3.35
N ALA A 152 -2.91 -1.01 -4.40
CA ALA A 152 -3.18 -1.46 -5.76
C ALA A 152 -2.56 -2.81 -6.13
N CYS A 153 -3.27 -3.58 -6.94
CA CYS A 153 -2.75 -4.86 -7.43
C CYS A 153 -2.11 -4.50 -8.77
N ASN A 154 -1.60 -5.46 -9.53
CA ASN A 154 -0.94 -5.10 -10.79
C ASN A 154 -1.30 -5.95 -11.99
N CYS A 155 -1.87 -5.31 -13.00
CA CYS A 155 -2.29 -6.00 -14.20
C CYS A 155 -1.27 -5.91 -15.33
N ILE A 156 -1.32 -6.86 -16.25
CA ILE A 156 -0.43 -6.91 -17.39
C ILE A 156 -1.04 -7.84 -18.42
N GLY A 157 -1.37 -7.30 -19.59
CA GLY A 157 -1.97 -8.12 -20.63
C GLY A 157 -3.26 -8.75 -20.12
N GLY A 158 -3.95 -8.06 -19.23
CA GLY A 158 -5.20 -8.59 -18.70
C GLY A 158 -5.04 -9.49 -17.49
N ASP A 159 -3.80 -9.76 -17.08
CA ASP A 159 -3.52 -10.61 -15.94
C ASP A 159 -3.17 -9.78 -14.71
N CYS A 160 -4.01 -9.83 -13.69
CA CYS A 160 -3.78 -9.07 -12.48
C CYS A 160 -3.33 -9.97 -11.35
N TYR A 161 -2.26 -9.55 -10.69
CA TYR A 161 -1.67 -10.30 -9.60
C TYR A 161 -1.91 -9.62 -8.27
N LEU A 162 -2.31 -10.40 -7.27
CA LEU A 162 -2.59 -9.85 -5.96
C LEU A 162 -2.14 -10.75 -4.82
N MET A 163 -1.41 -10.17 -3.88
CA MET A 163 -0.94 -10.91 -2.71
C MET A 163 -2.10 -11.01 -1.71
N ILE A 164 -2.19 -12.15 -1.05
CA ILE A 164 -3.18 -12.36 0.01
C ILE A 164 -2.38 -13.11 1.05
N THR A 165 -2.91 -13.20 2.25
CA THR A 165 -2.19 -13.90 3.28
C THR A 165 -3.15 -14.34 4.37
N ASP A 166 -2.84 -15.50 4.91
CA ASP A 166 -3.62 -16.05 5.98
C ASP A 166 -2.56 -16.39 7.02
N GLY A 167 -2.86 -16.11 8.29
CA GLY A 167 -1.86 -16.41 9.30
C GLY A 167 -1.90 -15.52 10.53
N SER A 168 -1.24 -15.98 11.58
CA SER A 168 -1.19 -15.26 12.84
C SER A 168 -0.38 -13.97 12.72
N ALA A 169 -0.74 -12.98 13.52
CA ALA A 169 -0.03 -11.70 13.49
C ALA A 169 1.34 -11.86 14.14
N SER A 170 1.40 -12.67 15.20
CA SER A 170 2.65 -12.90 15.91
C SER A 170 3.35 -14.17 15.48
N GLY A 171 2.76 -14.90 14.54
CA GLY A 171 3.37 -16.13 14.09
C GLY A 171 3.64 -16.27 12.60
N ILE A 172 3.23 -17.41 12.05
CA ILE A 172 3.42 -17.67 10.63
C ILE A 172 2.28 -17.13 9.79
N SER A 173 2.65 -16.51 8.68
CA SER A 173 1.68 -15.94 7.75
C SER A 173 2.21 -16.07 6.32
N LYS A 174 2.25 -17.30 5.83
CA LYS A 174 2.72 -17.56 4.48
C LYS A 174 1.72 -16.98 3.51
N CYS A 175 2.18 -16.08 2.65
CA CYS A 175 1.30 -15.42 1.68
C CYS A 175 1.17 -16.17 0.36
N ARG A 176 0.21 -15.74 -0.44
CA ARG A 176 -0.04 -16.33 -1.75
C ARG A 176 -0.26 -15.24 -2.77
N PHE A 177 -0.36 -15.64 -4.02
CA PHE A 177 -0.57 -14.68 -5.08
C PHE A 177 -1.59 -15.22 -6.05
N LEU A 178 -2.66 -14.45 -6.25
CA LEU A 178 -3.72 -14.88 -7.15
C LEU A 178 -3.60 -14.24 -8.53
N LYS A 179 -3.62 -15.07 -9.55
CA LYS A 179 -3.57 -14.59 -10.92
C LYS A 179 -5.03 -14.44 -11.33
N ILE A 180 -5.45 -13.20 -11.52
CA ILE A 180 -6.82 -12.91 -11.88
C ILE A 180 -6.94 -12.38 -13.31
N ARG A 181 -8.11 -12.58 -13.91
CA ARG A 181 -8.38 -12.10 -15.26
C ARG A 181 -9.88 -11.98 -15.45
N GLU A 182 -10.34 -10.78 -15.79
CA GLU A 182 -11.75 -10.53 -15.99
C GLU A 182 -12.52 -10.85 -14.72
N GLY A 183 -11.82 -10.84 -13.59
CA GLY A 183 -12.48 -11.07 -12.32
C GLY A 183 -12.49 -12.46 -11.75
N ARG A 184 -11.93 -13.42 -12.48
CA ARG A 184 -11.94 -14.79 -11.99
C ARG A 184 -10.53 -15.37 -11.82
N ILE A 185 -10.25 -15.89 -10.64
CA ILE A 185 -8.95 -16.46 -10.36
C ILE A 185 -8.63 -17.59 -11.33
N ILE A 186 -7.51 -17.47 -12.03
CA ILE A 186 -7.14 -18.50 -12.98
C ILE A 186 -5.93 -19.29 -12.56
N LYS A 187 -5.42 -19.00 -11.36
CA LYS A 187 -4.25 -19.71 -10.84
C LYS A 187 -3.73 -19.06 -9.57
N GLU A 188 -3.22 -19.90 -8.66
CA GLU A 188 -2.67 -19.40 -7.41
C GLU A 188 -1.20 -19.78 -7.34
N ILE A 189 -0.36 -18.77 -7.13
CA ILE A 189 1.07 -18.95 -7.03
C ILE A 189 1.52 -19.01 -5.58
N LEU A 190 2.17 -20.11 -5.20
CA LEU A 190 2.67 -20.31 -3.84
C LEU A 190 4.15 -19.95 -3.77
N PRO A 191 4.49 -18.84 -3.10
CA PRO A 191 5.90 -18.45 -3.01
C PRO A 191 6.81 -19.40 -2.24
N THR A 192 8.10 -19.36 -2.59
CA THR A 192 9.14 -20.17 -1.96
C THR A 192 10.11 -19.24 -1.23
N GLY A 193 11.16 -19.81 -0.65
CA GLY A 193 12.11 -18.97 0.06
C GLY A 193 11.64 -18.66 1.47
N ARG A 194 12.12 -17.56 2.05
CA ARG A 194 11.71 -17.18 3.40
C ARG A 194 10.26 -16.72 3.37
N VAL A 195 9.36 -17.62 3.79
CA VAL A 195 7.93 -17.35 3.75
C VAL A 195 7.19 -17.48 5.09
N GLU A 196 7.88 -17.33 6.20
CA GLU A 196 7.23 -17.46 7.50
C GLU A 196 6.32 -16.28 7.84
N HIS A 197 6.48 -15.17 7.13
CA HIS A 197 5.64 -14.01 7.37
C HIS A 197 5.83 -12.86 6.38
N THR A 198 4.86 -12.72 5.50
CA THR A 198 4.82 -11.67 4.50
C THR A 198 3.41 -11.14 4.61
N GLU A 199 3.17 -9.91 4.18
CA GLU A 199 1.82 -9.36 4.25
C GLU A 199 1.82 -7.88 3.91
N GLU A 200 0.64 -7.34 3.66
CA GLU A 200 0.49 -5.94 3.32
C GLU A 200 1.50 -5.60 2.25
N CYS A 201 1.71 -6.55 1.34
CA CYS A 201 2.66 -6.37 0.26
C CYS A 201 2.38 -5.15 -0.60
N THR A 202 3.44 -4.40 -0.91
CA THR A 202 3.37 -3.22 -1.76
C THR A 202 4.08 -3.61 -3.05
N CYS A 203 3.32 -4.14 -3.98
CA CYS A 203 3.83 -4.63 -5.25
C CYS A 203 3.80 -3.64 -6.40
N GLY A 204 4.75 -3.80 -7.30
CA GLY A 204 4.85 -2.96 -8.48
C GLY A 204 5.64 -3.70 -9.55
N PHE A 205 5.60 -3.22 -10.79
CA PHE A 205 6.30 -3.85 -11.90
C PHE A 205 7.73 -3.36 -12.10
N ALA A 206 8.71 -4.22 -11.88
CA ALA A 206 10.09 -3.82 -12.09
C ALA A 206 10.35 -3.92 -13.59
N SER A 207 9.53 -4.74 -14.24
CA SER A 207 9.64 -4.94 -15.68
C SER A 207 8.42 -5.70 -16.21
N ASN A 208 8.34 -5.81 -17.53
CA ASN A 208 7.23 -6.49 -18.20
C ASN A 208 7.14 -7.97 -17.84
N LYS A 209 8.11 -8.46 -17.08
CA LYS A 209 8.09 -9.86 -16.71
C LYS A 209 8.32 -10.09 -15.22
N THR A 210 8.66 -9.01 -14.51
CA THR A 210 8.91 -9.14 -13.09
C THR A 210 8.20 -8.12 -12.22
N ILE A 211 7.59 -8.61 -11.15
CA ILE A 211 6.88 -7.78 -10.19
C ILE A 211 7.62 -7.94 -8.86
N GLU A 212 7.96 -6.83 -8.24
CA GLU A 212 8.65 -6.89 -6.97
C GLU A 212 7.71 -6.36 -5.89
N CYS A 213 7.87 -6.85 -4.66
CA CYS A 213 7.03 -6.42 -3.55
C CYS A 213 7.82 -6.17 -2.28
N ALA A 214 7.68 -4.97 -1.74
CA ALA A 214 8.31 -4.65 -0.47
C ALA A 214 7.14 -4.94 0.46
N CYS A 215 7.27 -5.97 1.29
CA CYS A 215 6.18 -6.35 2.18
C CYS A 215 6.44 -6.12 3.65
N ARG A 216 5.56 -6.67 4.49
CA ARG A 216 5.66 -6.49 5.94
C ARG A 216 5.68 -7.78 6.75
N ASP A 217 6.64 -7.87 7.67
CA ASP A 217 6.76 -9.03 8.56
C ASP A 217 6.54 -8.50 9.98
N ASN A 218 5.39 -8.85 10.53
CA ASN A 218 4.98 -8.41 11.85
C ASN A 218 5.58 -9.13 13.06
N SER A 219 6.27 -10.25 12.85
CA SER A 219 6.76 -10.97 14.01
C SER A 219 8.23 -11.34 14.11
N TYR A 220 8.90 -11.50 12.98
CA TYR A 220 10.28 -11.94 13.04
C TYR A 220 11.40 -10.95 12.78
N THR A 221 11.13 -9.87 12.06
CA THR A 221 12.21 -8.94 11.79
C THR A 221 11.77 -7.54 11.41
N ALA A 222 12.69 -6.60 11.56
CA ALA A 222 12.44 -5.21 11.21
C ALA A 222 12.76 -5.07 9.73
N LYS A 223 13.35 -6.12 9.16
CA LYS A 223 13.70 -6.15 7.74
C LYS A 223 12.43 -6.42 6.95
N ARG A 224 12.42 -6.02 5.68
CA ARG A 224 11.24 -6.20 4.88
C ARG A 224 11.28 -7.38 3.92
N PRO A 225 10.37 -8.33 4.09
CA PRO A 225 10.38 -9.47 3.17
C PRO A 225 10.25 -8.90 1.75
N PHE A 226 11.03 -9.42 0.81
CA PHE A 226 11.00 -8.92 -0.56
C PHE A 226 10.58 -10.01 -1.53
N VAL A 227 9.50 -9.77 -2.26
CA VAL A 227 9.00 -10.75 -3.21
C VAL A 227 9.38 -10.38 -4.63
N LYS A 228 9.77 -11.38 -5.40
CA LYS A 228 10.11 -11.18 -6.79
C LYS A 228 9.23 -12.16 -7.55
N LEU A 229 8.19 -11.65 -8.19
CA LEU A 229 7.25 -12.49 -8.93
C LEU A 229 7.56 -12.49 -10.41
N ASN A 230 7.80 -13.67 -10.94
CA ASN A 230 8.07 -13.79 -12.37
C ASN A 230 6.75 -14.08 -13.03
N VAL A 231 6.20 -13.06 -13.70
CA VAL A 231 4.94 -13.18 -14.40
C VAL A 231 5.06 -14.23 -15.49
N GLU A 232 6.27 -14.37 -16.03
CA GLU A 232 6.55 -15.33 -17.10
C GLU A 232 6.29 -16.78 -16.74
N THR A 233 6.93 -17.26 -15.69
CA THR A 233 6.76 -18.64 -15.25
C THR A 233 5.76 -18.76 -14.11
N ASP A 234 5.21 -17.61 -13.72
CA ASP A 234 4.23 -17.51 -12.63
C ASP A 234 4.65 -18.21 -11.35
N THR A 235 5.85 -17.87 -10.90
CA THR A 235 6.43 -18.42 -9.69
C THR A 235 6.94 -17.25 -8.86
N ALA A 236 7.03 -17.43 -7.55
CA ALA A 236 7.50 -16.37 -6.68
C ALA A 236 8.28 -16.88 -5.48
N GLU A 237 9.38 -16.20 -5.19
CA GLU A 237 10.23 -16.54 -4.05
C GLU A 237 10.35 -15.29 -3.20
N ILE A 238 10.69 -15.47 -1.93
CA ILE A 238 10.83 -14.34 -1.02
C ILE A 238 12.14 -14.48 -0.26
N ARG A 239 12.77 -13.34 0.01
CA ARG A 239 14.03 -13.27 0.76
C ARG A 239 14.04 -11.89 1.40
N LEU A 240 14.71 -11.73 2.53
CA LEU A 240 14.75 -10.43 3.20
C LEU A 240 15.60 -9.39 2.49
N MET A 241 15.27 -8.12 2.72
CA MET A 241 16.04 -7.03 2.13
C MET A 241 17.35 -6.98 2.92
N CYS A 242 18.47 -6.95 2.21
CA CYS A 242 19.77 -6.94 2.90
C CYS A 242 20.27 -5.59 3.39
N THR A 243 19.68 -4.50 2.91
CA THR A 243 20.13 -3.16 3.31
C THR A 243 20.10 -2.86 4.80
N LYS A 244 21.05 -2.04 5.23
CA LYS A 244 21.15 -1.65 6.63
C LYS A 244 20.10 -0.58 6.93
N THR A 245 19.49 -0.04 5.88
CA THR A 245 18.45 0.97 6.05
C THR A 245 17.11 0.27 6.16
N TYR A 246 16.92 -0.38 7.31
CA TYR A 246 15.69 -1.12 7.63
C TYR A 246 14.46 -0.24 7.40
N LEU A 247 13.52 -0.76 6.63
CA LEU A 247 12.32 -0.01 6.30
C LEU A 247 11.09 -0.24 7.15
N ASP A 248 11.10 -1.27 7.99
CA ASP A 248 9.94 -1.51 8.84
C ASP A 248 9.93 -0.55 10.03
N THR A 249 8.95 -0.74 10.90
CA THR A 249 8.77 0.05 12.11
C THR A 249 8.02 -0.90 13.05
N PRO A 250 8.55 -1.13 14.26
CA PRO A 250 9.78 -0.52 14.78
C PRO A 250 10.99 -1.22 14.19
N ARG A 251 12.15 -0.58 14.36
CA ARG A 251 13.41 -1.12 13.87
C ARG A 251 14.52 -0.64 14.79
N PRO A 252 15.71 -1.25 14.70
CA PRO A 252 16.82 -0.83 15.56
C PRO A 252 17.71 0.08 14.74
N ASP A 253 18.74 0.63 15.37
CA ASP A 253 19.67 1.50 14.66
C ASP A 253 19.97 0.88 13.30
N ASP A 254 20.09 1.71 12.28
CA ASP A 254 20.38 1.22 10.94
C ASP A 254 21.71 0.48 10.93
N GLY A 255 21.71 -0.72 10.37
CA GLY A 255 22.92 -1.51 10.29
C GLY A 255 23.25 -2.25 11.55
N SER A 256 22.39 -2.16 12.56
CA SER A 256 22.63 -2.84 13.83
C SER A 256 22.27 -4.34 13.83
N ILE A 257 21.76 -4.86 12.73
CA ILE A 257 21.40 -6.27 12.68
C ILE A 257 22.57 -7.06 12.09
N ALA A 258 23.45 -7.53 12.97
CA ALA A 258 24.63 -8.28 12.57
C ALA A 258 24.26 -9.58 11.89
N GLY A 259 25.25 -10.20 11.28
CA GLY A 259 25.01 -11.45 10.59
C GLY A 259 24.86 -11.21 9.11
N PRO A 260 24.45 -12.24 8.35
CA PRO A 260 24.28 -12.08 6.90
C PRO A 260 22.87 -11.63 6.52
N CYS A 261 22.70 -11.28 5.24
CA CYS A 261 21.44 -10.83 4.70
C CYS A 261 20.22 -11.48 5.34
N GLU A 262 20.15 -12.79 5.27
CA GLU A 262 19.04 -13.55 5.80
C GLU A 262 18.76 -13.33 7.28
N SER A 263 19.72 -12.79 8.01
CA SER A 263 19.56 -12.57 9.45
C SER A 263 18.31 -11.78 9.83
N ASN A 264 17.48 -12.37 10.67
CA ASN A 264 16.23 -11.73 11.12
C ASN A 264 16.47 -10.69 12.18
N GLY A 265 17.52 -10.88 12.97
CA GLY A 265 17.80 -9.96 14.06
C GLY A 265 16.75 -10.17 15.14
N ASP A 266 16.57 -9.16 15.98
CA ASP A 266 15.57 -9.26 17.04
C ASP A 266 14.21 -9.27 16.37
N LYS A 267 13.21 -9.77 17.08
CA LYS A 267 11.86 -9.84 16.54
C LYS A 267 11.34 -8.43 16.19
N TRP A 268 11.35 -7.54 17.19
CA TRP A 268 10.86 -6.17 17.02
C TRP A 268 9.40 -6.29 16.58
N LEU A 269 8.60 -6.92 17.44
CA LEU A 269 7.20 -7.18 17.18
C LEU A 269 6.35 -6.07 16.63
N GLY A 270 5.91 -6.28 15.39
CA GLY A 270 5.09 -5.30 14.73
C GLY A 270 5.67 -5.00 13.36
N GLY A 271 5.01 -4.11 12.65
CA GLY A 271 5.46 -3.73 11.33
C GLY A 271 4.53 -2.66 10.82
N ILE A 272 4.57 -2.42 9.51
CA ILE A 272 3.72 -1.42 8.89
C ILE A 272 3.86 -1.56 7.38
N LYS A 273 2.82 -1.15 6.66
CA LYS A 273 2.87 -1.23 5.22
C LYS A 273 3.82 -0.13 4.80
N GLY A 274 4.73 -0.46 3.90
CA GLY A 274 5.67 0.53 3.44
C GLY A 274 5.48 0.88 1.99
N GLY A 275 5.73 2.14 1.64
CA GLY A 275 5.60 2.56 0.27
C GLY A 275 6.82 2.05 -0.47
N PHE A 276 6.65 1.81 -1.75
CA PHE A 276 7.73 1.31 -2.57
C PHE A 276 7.25 1.37 -4.01
N VAL A 277 8.10 1.87 -4.91
CA VAL A 277 7.72 1.94 -6.30
C VAL A 277 8.92 1.93 -7.23
N HIS A 278 8.70 1.48 -8.46
CA HIS A 278 9.76 1.38 -9.46
C HIS A 278 9.84 2.55 -10.42
N GLN A 279 11.06 2.84 -10.87
CA GLN A 279 11.36 3.88 -11.85
C GLN A 279 12.17 3.16 -12.92
N ARG A 280 11.47 2.65 -13.93
CA ARG A 280 12.12 1.91 -15.02
C ARG A 280 12.75 2.79 -16.09
N MET A 281 14.06 2.64 -16.25
CA MET A 281 14.83 3.36 -17.25
C MET A 281 15.34 2.35 -18.26
N ALA A 282 15.64 2.81 -19.47
CA ALA A 282 16.11 1.95 -20.55
C ALA A 282 17.16 0.93 -20.12
N SER A 283 18.06 1.33 -19.22
CA SER A 283 19.13 0.45 -18.75
C SER A 283 19.35 0.49 -17.25
N LYS A 284 18.59 1.34 -16.57
CA LYS A 284 18.72 1.44 -15.12
C LYS A 284 17.36 1.18 -14.49
N ILE A 285 17.36 0.94 -13.18
CA ILE A 285 16.12 0.67 -12.48
C ILE A 285 16.19 1.23 -11.07
N GLY A 286 15.40 2.28 -10.82
CA GLY A 286 15.39 2.90 -9.51
C GLY A 286 14.26 2.39 -8.64
N ARG A 287 14.60 1.99 -7.41
CA ARG A 287 13.62 1.51 -6.45
C ARG A 287 13.44 2.54 -5.34
N TRP A 288 12.22 3.07 -5.20
CA TRP A 288 11.93 4.06 -4.18
C TRP A 288 11.20 3.44 -2.99
N TYR A 289 11.69 3.70 -1.79
CA TYR A 289 11.07 3.17 -0.59
C TYR A 289 10.76 4.28 0.39
N SER A 290 9.75 4.05 1.22
CA SER A 290 9.36 5.01 2.23
C SER A 290 9.57 4.34 3.57
N ARG A 291 9.61 5.12 4.64
CA ARG A 291 9.77 4.59 5.99
C ARG A 291 9.65 5.75 6.98
N THR A 292 8.98 5.49 8.09
CA THR A 292 8.79 6.53 9.10
C THR A 292 10.12 7.08 9.60
N MET A 293 10.09 8.31 10.10
CA MET A 293 11.28 8.95 10.62
C MET A 293 11.60 8.27 11.95
N SER A 294 10.66 8.33 12.89
CA SER A 294 10.86 7.68 14.18
C SER A 294 11.04 6.20 13.87
N LYS A 295 11.93 5.54 14.61
CA LYS A 295 12.15 4.12 14.39
C LYS A 295 11.27 3.27 15.29
N THR A 296 10.56 3.92 16.22
CA THR A 296 9.68 3.22 17.14
C THR A 296 8.20 3.58 16.97
N ASN A 297 7.95 4.81 16.51
CA ASN A 297 6.58 5.28 16.34
C ASN A 297 6.29 5.64 14.90
N ARG A 298 5.00 5.65 14.55
CA ARG A 298 4.59 5.98 13.18
C ARG A 298 4.43 7.48 12.96
N MET A 299 5.57 8.18 13.00
CA MET A 299 5.63 9.63 12.81
C MET A 299 6.62 9.94 11.71
N GLY A 300 6.31 10.94 10.89
CA GLY A 300 7.24 11.30 9.83
C GLY A 300 7.43 10.24 8.77
N MET A 301 7.99 10.66 7.65
CA MET A 301 8.19 9.77 6.52
C MET A 301 9.30 10.32 5.63
N GLU A 302 10.35 9.53 5.43
CA GLU A 302 11.44 9.98 4.57
C GLU A 302 11.52 9.08 3.35
N LEU A 303 11.99 9.65 2.24
CA LEU A 303 12.12 8.91 1.00
C LEU A 303 13.54 8.38 0.83
N TYR A 304 13.66 7.17 0.29
CA TYR A 304 14.96 6.55 0.06
C TYR A 304 15.00 5.99 -1.34
N VAL A 305 16.14 6.14 -2.00
CA VAL A 305 16.26 5.60 -3.35
C VAL A 305 17.49 4.74 -3.47
N ARG A 306 17.46 3.83 -4.43
CA ARG A 306 18.58 2.94 -4.70
C ARG A 306 18.40 2.40 -6.10
N TYR A 307 19.30 2.78 -7.00
CA TYR A 307 19.22 2.33 -8.39
C TYR A 307 19.96 1.01 -8.57
N ASP A 308 19.37 0.14 -9.39
CA ASP A 308 19.95 -1.16 -9.68
C ASP A 308 20.37 -1.96 -8.44
N GLY A 309 20.94 -3.13 -8.67
CA GLY A 309 21.38 -3.98 -7.58
C GLY A 309 20.39 -5.11 -7.33
N ASP A 310 20.56 -5.80 -6.21
CA ASP A 310 19.69 -6.91 -5.83
C ASP A 310 19.29 -6.75 -4.37
N PRO A 311 18.12 -6.12 -4.12
CA PRO A 311 17.62 -5.90 -2.75
C PRO A 311 17.83 -7.09 -1.83
N TRP A 312 17.84 -8.28 -2.43
CA TRP A 312 18.01 -9.53 -1.70
C TRP A 312 19.42 -9.74 -1.12
N THR A 313 20.43 -9.11 -1.72
CA THR A 313 21.80 -9.31 -1.24
C THR A 313 22.66 -8.05 -1.05
N ASP A 314 22.13 -6.88 -1.36
CA ASP A 314 22.88 -5.64 -1.23
C ASP A 314 22.80 -5.04 0.16
N SER A 315 23.91 -5.10 0.88
CA SER A 315 23.95 -4.58 2.25
C SER A 315 24.04 -3.07 2.30
N ASP A 316 24.43 -2.46 1.18
CA ASP A 316 24.57 -1.02 1.11
C ASP A 316 23.29 -0.31 1.56
N ALA A 317 23.44 0.79 2.27
CA ALA A 317 22.30 1.56 2.74
C ALA A 317 21.65 2.33 1.57
N LEU A 318 20.36 2.60 1.71
CA LEU A 318 19.61 3.33 0.70
C LEU A 318 20.02 4.82 0.74
N THR A 319 19.86 5.50 -0.39
CA THR A 319 20.20 6.90 -0.48
C THR A 319 19.02 7.77 -0.03
N LEU A 320 19.16 8.42 1.12
CA LEU A 320 18.09 9.29 1.62
C LEU A 320 17.75 10.28 0.54
N SER A 321 16.48 10.31 0.16
CA SER A 321 16.02 11.19 -0.91
C SER A 321 15.31 12.45 -0.43
N GLY A 322 14.97 12.49 0.86
CA GLY A 322 14.30 13.66 1.40
C GLY A 322 13.23 13.32 2.41
N VAL A 323 12.68 14.35 3.08
CA VAL A 323 11.65 14.13 4.07
C VAL A 323 10.29 14.53 3.52
N MET A 324 9.39 13.56 3.44
CA MET A 324 8.04 13.83 2.94
C MET A 324 7.14 14.34 4.06
N VAL A 325 7.44 13.92 5.29
CA VAL A 325 6.67 14.32 6.46
C VAL A 325 7.62 14.38 7.68
N SER A 326 7.41 15.34 8.57
CA SER A 326 8.27 15.49 9.74
C SER A 326 7.75 14.73 10.95
N ILE A 327 8.65 14.38 11.85
CA ILE A 327 8.29 13.62 13.05
C ILE A 327 7.22 14.29 13.90
N GLU A 328 6.74 15.44 13.47
CA GLU A 328 5.71 16.13 14.24
C GLU A 328 4.35 15.74 13.69
N GLU A 329 4.34 15.20 12.48
CA GLU A 329 3.12 14.78 11.84
C GLU A 329 3.04 13.26 11.81
N PRO A 330 1.84 12.70 11.74
CA PRO A 330 1.76 11.24 11.70
C PRO A 330 2.19 10.71 10.35
N GLY A 331 2.80 9.53 10.34
CA GLY A 331 3.23 8.92 9.10
C GLY A 331 2.96 7.43 9.20
N TRP A 332 1.80 7.01 8.71
CA TRP A 332 1.42 5.60 8.77
C TRP A 332 1.65 4.85 7.44
N TYR A 333 0.65 4.12 6.98
CA TYR A 333 0.82 3.36 5.76
C TYR A 333 1.35 4.17 4.58
N SER A 334 2.23 3.55 3.81
CA SER A 334 2.81 4.17 2.64
C SER A 334 2.54 3.22 1.51
N PHE A 335 2.24 3.76 0.32
CA PHE A 335 1.96 2.91 -0.82
C PHE A 335 2.52 3.44 -2.11
N GLY A 336 2.46 2.62 -3.15
CA GLY A 336 2.98 3.04 -4.43
C GLY A 336 1.94 2.84 -5.51
N PHE A 337 2.02 3.67 -6.53
CA PHE A 337 1.11 3.59 -7.67
C PHE A 337 1.73 4.39 -8.80
N GLU A 338 1.31 4.12 -10.03
CA GLU A 338 1.88 4.82 -11.18
C GLU A 338 0.84 5.52 -12.05
N ILE A 339 0.96 6.84 -12.17
CA ILE A 339 0.03 7.58 -13.01
C ILE A 339 0.46 7.33 -14.43
N LYS A 340 -0.49 7.15 -15.32
CA LYS A 340 -0.17 6.89 -16.71
C LYS A 340 -0.34 8.13 -17.59
N ASP A 341 0.79 8.67 -18.05
CA ASP A 341 0.80 9.83 -18.92
C ASP A 341 0.88 9.34 -20.37
N LYS A 342 0.84 10.27 -21.32
CA LYS A 342 0.89 9.96 -22.74
C LYS A 342 1.65 8.70 -23.15
N LYS A 343 2.96 8.69 -22.94
CA LYS A 343 3.78 7.55 -23.34
C LYS A 343 4.71 7.01 -22.26
N CYS A 344 4.50 7.43 -21.02
CA CYS A 344 5.36 6.98 -19.93
C CYS A 344 4.59 6.94 -18.61
N ASP A 345 5.12 6.20 -17.65
CA ASP A 345 4.46 6.09 -16.35
C ASP A 345 5.12 6.95 -15.29
N VAL A 346 4.31 7.58 -14.46
CA VAL A 346 4.84 8.42 -13.40
C VAL A 346 4.73 7.70 -12.07
N PRO A 347 5.86 7.25 -11.52
CA PRO A 347 5.87 6.54 -10.23
C PRO A 347 5.55 7.49 -9.08
N CYS A 348 4.67 7.07 -8.18
CA CYS A 348 4.32 7.92 -7.05
C CYS A 348 4.31 7.14 -5.75
N ILE A 349 4.30 7.88 -4.65
CA ILE A 349 4.29 7.29 -3.32
C ILE A 349 3.35 8.06 -2.43
N GLY A 350 2.25 7.43 -2.05
CA GLY A 350 1.28 8.08 -1.19
C GLY A 350 1.50 7.67 0.25
N ILE A 351 1.14 8.58 1.16
CA ILE A 351 1.31 8.36 2.58
C ILE A 351 0.06 8.59 3.40
N GLU A 352 -0.39 7.54 4.09
CA GLU A 352 -1.55 7.65 4.94
C GLU A 352 -1.13 8.48 6.15
N MET A 353 -1.89 9.51 6.50
CA MET A 353 -1.58 10.35 7.65
C MET A 353 -2.71 10.30 8.67
N VAL A 354 -2.80 9.18 9.38
CA VAL A 354 -3.84 8.97 10.36
C VAL A 354 -3.96 10.04 11.44
N HIS A 355 -5.19 10.45 11.72
CA HIS A 355 -5.46 11.44 12.77
C HIS A 355 -5.88 10.60 13.96
N ASP A 356 -4.89 10.13 14.73
CA ASP A 356 -5.20 9.31 15.88
C ASP A 356 -5.27 10.18 17.11
N GLY A 357 -6.41 10.17 17.78
CA GLY A 357 -6.57 10.97 18.97
C GLY A 357 -7.05 10.10 20.11
N GLY A 358 -6.76 8.82 20.00
CA GLY A 358 -7.18 7.88 21.04
C GLY A 358 -8.24 6.93 20.50
N LYS A 359 -8.92 6.25 21.42
CA LYS A 359 -9.96 5.31 21.05
C LYS A 359 -11.31 5.81 21.56
N ASP A 360 -11.32 7.04 22.05
CA ASP A 360 -12.55 7.65 22.56
C ASP A 360 -12.95 8.83 21.70
N THR A 361 -12.45 8.84 20.47
CA THR A 361 -12.74 9.88 19.51
C THR A 361 -12.75 9.26 18.12
N TRP A 362 -12.93 10.09 17.10
CA TRP A 362 -12.93 9.58 15.74
C TRP A 362 -11.50 9.22 15.35
N HIS A 363 -11.37 8.32 14.39
CA HIS A 363 -10.08 7.82 13.93
C HIS A 363 -10.05 7.79 12.41
N SER A 364 -9.49 8.83 11.79
CA SER A 364 -9.42 8.86 10.32
C SER A 364 -8.06 9.26 9.78
N ALA A 365 -7.94 9.37 8.45
CA ALA A 365 -6.67 9.70 7.85
C ALA A 365 -6.70 10.57 6.60
N ALA A 366 -5.62 11.32 6.40
CA ALA A 366 -5.45 12.17 5.23
C ALA A 366 -4.48 11.43 4.33
N THR A 367 -4.45 11.78 3.05
CA THR A 367 -3.54 11.13 2.11
C THR A 367 -2.61 12.16 1.46
N ALA A 368 -1.31 11.91 1.56
CA ALA A 368 -0.33 12.80 0.97
C ALA A 368 0.29 12.10 -0.23
N ILE A 369 0.45 12.84 -1.32
CA ILE A 369 1.02 12.27 -2.53
C ILE A 369 2.32 12.97 -2.91
N TYR A 370 3.29 12.17 -3.35
CA TYR A 370 4.58 12.69 -3.78
C TYR A 370 4.90 11.91 -5.06
N CYS A 371 5.19 12.61 -6.13
CA CYS A 371 5.52 11.91 -7.38
C CYS A 371 6.89 12.28 -7.90
N LEU A 372 7.31 11.58 -8.95
CA LEU A 372 8.61 11.82 -9.59
C LEU A 372 8.49 12.94 -10.64
N MET A 373 8.88 14.15 -10.27
CA MET A 373 8.82 15.28 -11.19
C MET A 373 10.13 16.06 -11.30
N GLY A 374 10.67 16.07 -12.52
CA GLY A 374 11.90 16.79 -12.76
C GLY A 374 13.09 16.40 -11.90
N SER A 375 14.12 17.22 -11.95
CA SER A 375 15.34 16.99 -11.20
C SER A 375 15.42 17.91 -9.98
N GLY A 376 16.54 17.84 -9.27
CA GLY A 376 16.71 18.65 -8.09
C GLY A 376 16.59 17.77 -6.88
N GLN A 377 16.03 18.29 -5.79
CA GLN A 377 15.86 17.48 -4.59
C GLN A 377 14.52 17.83 -3.97
N LEU A 378 13.95 16.89 -3.21
CA LEU A 378 12.66 17.13 -2.57
C LEU A 378 12.74 18.46 -1.85
N LEU A 379 11.82 19.36 -2.18
CA LEU A 379 11.82 20.69 -1.59
C LEU A 379 10.94 20.90 -0.37
N TRP A 380 9.69 20.42 -0.42
CA TRP A 380 8.79 20.62 0.71
C TRP A 380 8.18 19.39 1.34
N ASP A 381 7.74 19.53 2.58
CA ASP A 381 7.14 18.44 3.35
C ASP A 381 5.61 18.59 3.39
N THR A 382 4.94 17.62 3.99
CA THR A 382 3.49 17.66 4.06
C THR A 382 2.88 17.61 5.46
N VAL A 383 1.91 18.49 5.71
CA VAL A 383 1.23 18.51 7.00
C VAL A 383 -0.27 18.34 6.72
N THR A 384 -0.99 17.70 7.65
CA THR A 384 -2.41 17.47 7.47
C THR A 384 -3.22 18.76 7.63
N GLY A 385 -2.80 19.59 8.59
CA GLY A 385 -3.46 20.85 8.86
C GLY A 385 -4.68 20.66 9.73
N VAL A 386 -4.94 19.42 10.14
CA VAL A 386 -6.14 19.10 10.94
C VAL A 386 -6.05 19.17 12.48
N ASP A 387 -7.00 19.86 13.08
CA ASP A 387 -7.06 19.95 14.54
C ASP A 387 -8.19 19.02 14.95
N MET A 388 -7.85 17.96 15.66
CA MET A 388 -8.84 16.97 16.09
C MET A 388 -9.86 17.48 17.09
N ALA A 389 -9.63 18.67 17.64
CA ALA A 389 -10.54 19.24 18.64
C ALA A 389 -11.71 19.99 18.02
N LEU A 390 -11.67 20.16 16.70
CA LEU A 390 -12.74 20.88 16.00
C LEU A 390 -13.89 19.98 15.57
C1 NAG B . 5.15 -2.45 -21.79
C2 NAG B . 6.67 -2.33 -22.06
C3 NAG B . 6.71 -1.45 -23.33
C4 NAG B . 5.95 -2.13 -24.55
C5 NAG B . 4.66 -2.94 -24.17
C6 NAG B . 4.67 -4.20 -25.00
C7 NAG B . 8.69 -2.03 -20.74
C8 NAG B . 9.30 -1.45 -19.48
N2 NAG B . 7.39 -1.82 -20.90
O3 NAG B . 8.07 -1.22 -23.70
O4 NAG B . 5.52 -1.12 -25.47
O5 NAG B . 4.66 -3.38 -22.80
O6 NAG B . 3.67 -5.08 -24.54
O7 NAG B . 9.37 -2.65 -21.55
CA CA C . 8.37 -6.23 11.55
CA CA D . -22.24 17.86 -1.11
C1 FDI E . -4.93 -3.15 9.49
C2 FDI E . -4.62 -4.55 9.47
C3 FDI E . -3.47 -5.02 10.18
C4 FDI E . -2.66 -4.10 10.90
C5 FDI E . -2.96 -2.71 10.92
C6 FDI E . -4.10 -2.24 10.21
C10 FDI E . -2.07 -1.79 11.67
O11 FDI E . -1.01 -2.34 12.31
O12 FDI E . -2.29 -0.61 11.70
N13 FDI E . -3.15 -6.37 10.19
C14 FDI E . -2.38 -6.97 11.17
C15 FDI E . -3.20 -7.79 12.23
O16 FDI E . -1.15 -6.91 11.22
C17 FDI E . -4.11 -8.81 11.51
C18 FDI E . -3.64 -10.27 11.59
C24 FDI E . -3.97 -6.79 13.16
C26 FDI E . -3.10 -6.04 14.18
N32 FDI E . -5.43 -5.40 8.75
C33 FDI E . -6.40 -6.19 9.31
C34 FDI E . -7.15 -7.05 8.29
O38 FDI E . -6.67 -6.23 10.50
#